data_2ZIB
#
_entry.id   2ZIB
#
_cell.length_a   43.275
_cell.length_b   48.416
_cell.length_c   59.707
_cell.angle_alpha   90.00
_cell.angle_beta   90.00
_cell.angle_gamma   90.00
#
_symmetry.space_group_name_H-M   'P 21 21 21'
#
loop_
_entity.id
_entity.type
_entity.pdbx_description
1 polymer 'Type II antifreeze protein'
2 non-polymer 'SULFATE ION'
3 water water
#
_entity_poly.entity_id   1
_entity_poly.type   'polypeptide(L)'
_entity_poly.pdbx_seq_one_letter_code
;HHHHHHALVCPAGWTLHGQRCFYSEATAMTWDLAEANCVNKGGHLASIHSLEEQLYIKDIVAGIVWIGGSACKVAGAWSW
TDGTPVDYRTWCPTKPNDILSDCCMQMTAAVDKCWDDLPCPASHASICAKAAI
;
_entity_poly.pdbx_strand_id   A
#
# COMPACT_ATOMS: atom_id res chain seq x y z
N HIS A 4 13.94 -10.33 -20.41
CA HIS A 4 13.67 -9.85 -21.80
C HIS A 4 13.74 -8.33 -21.88
N HIS A 5 13.75 -7.81 -23.11
CA HIS A 5 13.63 -6.35 -23.34
C HIS A 5 12.47 -5.97 -24.24
N HIS A 6 11.32 -6.59 -24.02
CA HIS A 6 10.12 -6.25 -24.79
C HIS A 6 9.02 -5.64 -23.89
N ALA A 7 7.86 -5.37 -24.48
CA ALA A 7 6.76 -4.66 -23.80
C ALA A 7 6.35 -5.50 -22.60
N LEU A 8 6.03 -4.82 -21.49
CA LEU A 8 5.57 -5.46 -20.25
C LEU A 8 4.08 -5.67 -20.28
N VAL A 9 3.63 -6.71 -19.57
CA VAL A 9 2.19 -6.93 -19.37
C VAL A 9 1.93 -7.21 -17.91
N CYS A 10 0.65 -7.10 -17.58
CA CYS A 10 0.18 -7.49 -16.26
C CYS A 10 -0.84 -8.60 -16.38
N PRO A 11 -0.97 -9.44 -15.35
CA PRO A 11 -2.03 -10.44 -15.37
C PRO A 11 -3.39 -9.74 -15.39
N ALA A 12 -4.39 -10.43 -15.96
CA ALA A 12 -5.76 -9.93 -15.95
C ALA A 12 -6.21 -9.47 -14.57
N GLY A 13 -6.76 -8.28 -14.54
CA GLY A 13 -7.25 -7.72 -13.29
C GLY A 13 -6.24 -6.76 -12.67
N TRP A 14 -5.00 -6.76 -13.12
CA TRP A 14 -3.96 -5.86 -12.59
C TRP A 14 -3.64 -4.82 -13.65
N THR A 15 -3.11 -3.68 -13.22
CA THR A 15 -2.81 -2.58 -14.13
C THR A 15 -1.35 -2.19 -14.05
N LEU A 16 -0.81 -1.78 -15.19
CA LEU A 16 0.61 -1.53 -15.32
C LEU A 16 0.98 -0.07 -15.04
N HIS A 17 1.99 0.13 -14.20
CA HIS A 17 2.68 1.43 -14.13
C HIS A 17 4.16 1.17 -14.03
N GLY A 18 4.94 1.67 -15.01
CA GLY A 18 6.37 1.44 -14.97
C GLY A 18 6.69 -0.03 -15.08
N GLN A 19 7.43 -0.54 -14.10
CA GLN A 19 7.84 -1.95 -14.09
C GLN A 19 6.94 -2.79 -13.15
N ARG A 20 5.83 -2.22 -12.67
CA ARG A 20 5.00 -2.89 -11.64
C ARG A 20 3.56 -3.02 -12.10
N CYS A 21 2.89 -4.01 -11.48
CA CYS A 21 1.47 -4.26 -11.69
C CYS A 21 0.73 -4.07 -10.38
N PHE A 22 -0.45 -3.45 -10.47
CA PHE A 22 -1.23 -3.07 -9.28
C PHE A 22 -2.60 -3.72 -9.32
N TYR A 23 -3.08 -4.12 -8.16
CA TYR A 23 -4.41 -4.72 -8.00
C TYR A 23 -5.22 -3.98 -6.96
N SER A 24 -6.40 -3.51 -7.37
CA SER A 24 -7.29 -2.82 -6.46
C SER A 24 -8.24 -3.85 -5.85
N GLU A 25 -8.05 -4.13 -4.55
CA GLU A 25 -8.90 -5.04 -3.81
C GLU A 25 -10.02 -4.25 -3.14
N ALA A 26 -11.21 -4.35 -3.70
CA ALA A 26 -12.37 -3.60 -3.22
C ALA A 26 -12.94 -4.20 -1.93
N THR A 27 -12.72 -5.48 -1.65
CA THR A 27 -13.26 -6.09 -0.42
C THR A 27 -12.53 -5.53 0.80
N ALA A 28 -13.24 -4.99 1.78
CA ALA A 28 -12.63 -4.40 2.94
C ALA A 28 -12.14 -5.49 3.87
N MET A 29 -10.94 -5.24 4.42
N MET A 29 -10.96 -5.24 4.44
CA MET A 29 -10.39 -6.24 5.35
CA MET A 29 -10.37 -6.25 5.36
C MET A 29 -9.38 -5.60 6.27
C MET A 29 -9.34 -5.58 6.26
N THR A 30 -8.96 -6.30 7.31
CA THR A 30 -7.90 -5.78 8.19
C THR A 30 -6.61 -5.66 7.39
N TRP A 31 -5.66 -4.90 7.92
CA TRP A 31 -4.38 -4.76 7.21
C TRP A 31 -3.72 -6.14 7.04
N ASP A 32 -3.75 -6.96 8.11
CA ASP A 32 -3.08 -8.26 8.04
CA ASP A 32 -3.14 -8.28 8.09
C ASP A 32 -3.78 -9.12 7.03
N LEU A 33 -5.09 -9.14 6.94
CA LEU A 33 -5.74 -9.96 5.91
C LEU A 33 -5.44 -9.41 4.55
N ALA A 34 -5.38 -8.08 4.39
CA ALA A 34 -5.12 -7.51 3.08
C ALA A 34 -3.70 -7.89 2.61
N GLU A 35 -2.71 -7.84 3.49
CA GLU A 35 -1.36 -8.27 3.13
C GLU A 35 -1.35 -9.77 2.75
N ALA A 36 -2.00 -10.61 3.55
CA ALA A 36 -2.06 -12.04 3.23
C ALA A 36 -2.74 -12.30 1.90
N ASN A 37 -3.79 -11.53 1.60
CA ASN A 37 -4.50 -11.61 0.34
C ASN A 37 -3.55 -11.28 -0.83
N CYS A 38 -2.79 -10.19 -0.69
CA CYS A 38 -1.83 -9.82 -1.73
C CYS A 38 -0.78 -10.91 -1.91
N VAL A 39 -0.30 -11.52 -0.80
CA VAL A 39 0.68 -12.60 -0.91
C VAL A 39 0.08 -13.81 -1.63
N ASN A 40 -1.17 -14.18 -1.33
CA ASN A 40 -1.80 -15.27 -2.06
C ASN A 40 -1.84 -14.99 -3.55
N LYS A 41 -1.97 -13.71 -3.90
CA LYS A 41 -2.05 -13.26 -5.30
C LYS A 41 -0.69 -12.98 -5.90
N GLY A 42 0.40 -13.34 -5.22
CA GLY A 42 1.75 -13.30 -5.80
C GLY A 42 2.48 -12.01 -5.54
N GLY A 43 1.97 -11.15 -4.64
CA GLY A 43 2.58 -9.84 -4.40
C GLY A 43 2.53 -9.46 -2.93
N HIS A 44 2.35 -8.16 -2.73
CA HIS A 44 2.33 -7.56 -1.37
C HIS A 44 1.39 -6.39 -1.43
N LEU A 45 0.94 -5.90 -0.27
CA LEU A 45 0.37 -4.56 -0.28
C LEU A 45 1.37 -3.61 -0.95
N ALA A 46 0.88 -2.61 -1.68
CA ALA A 46 1.79 -1.79 -2.46
C ALA A 46 2.72 -0.98 -1.57
N SER A 47 3.99 -0.92 -1.99
CA SER A 47 4.92 0.09 -1.51
C SER A 47 4.95 1.25 -2.51
N ILE A 48 5.29 2.45 -2.03
CA ILE A 48 5.24 3.66 -2.82
C ILE A 48 6.55 4.42 -2.69
N HIS A 49 7.16 4.75 -3.83
CA HIS A 49 8.56 5.22 -3.82
C HIS A 49 8.76 6.55 -4.48
N SER A 50 7.67 7.20 -4.88
CA SER A 50 7.74 8.54 -5.50
C SER A 50 6.39 9.16 -5.51
N LEU A 51 6.34 10.47 -5.74
CA LEU A 51 5.06 11.12 -5.94
C LEU A 51 4.40 10.59 -7.19
N GLU A 52 5.20 10.23 -8.20
CA GLU A 52 4.60 9.62 -9.39
C GLU A 52 3.78 8.37 -9.08
N GLU A 53 4.34 7.50 -8.24
CA GLU A 53 3.60 6.30 -7.81
C GLU A 53 2.41 6.65 -6.94
N GLN A 54 2.58 7.60 -6.03
CA GLN A 54 1.50 8.08 -5.16
C GLN A 54 0.32 8.49 -6.04
N LEU A 55 0.61 9.31 -7.07
CA LEU A 55 -0.45 9.82 -7.90
C LEU A 55 -1.07 8.74 -8.79
N TYR A 56 -0.25 7.82 -9.28
CA TYR A 56 -0.83 6.71 -10.05
C TYR A 56 -1.81 5.89 -9.17
N ILE A 57 -1.38 5.54 -7.97
CA ILE A 57 -2.22 4.74 -7.08
C ILE A 57 -3.45 5.53 -6.66
N LYS A 58 -3.27 6.81 -6.34
CA LYS A 58 -4.40 7.69 -6.00
C LYS A 58 -5.46 7.57 -7.06
N ASP A 59 -5.03 7.56 -8.34
CA ASP A 59 -6.00 7.55 -9.42
C ASP A 59 -6.70 6.23 -9.62
N ILE A 60 -6.16 5.15 -9.06
CA ILE A 60 -6.82 3.86 -9.19
C ILE A 60 -7.93 3.67 -8.17
N VAL A 61 -7.67 4.15 -6.95
CA VAL A 61 -8.41 3.68 -5.76
C VAL A 61 -9.64 4.54 -5.51
N ALA A 62 -10.59 4.04 -4.73
CA ALA A 62 -11.87 4.74 -4.58
C ALA A 62 -12.13 5.34 -3.22
N GLY A 63 -11.18 5.30 -2.33
CA GLY A 63 -11.30 5.82 -0.94
C GLY A 63 -10.06 5.45 -0.11
N ILE A 64 -10.21 5.36 1.21
CA ILE A 64 -9.10 4.86 2.06
C ILE A 64 -8.65 3.50 1.57
N VAL A 65 -7.34 3.29 1.50
CA VAL A 65 -6.81 1.95 1.18
C VAL A 65 -5.62 1.64 2.05
N TRP A 66 -5.57 0.41 2.53
CA TRP A 66 -4.33 -0.11 3.11
C TRP A 66 -3.21 -0.20 2.07
N ILE A 67 -2.01 0.24 2.47
CA ILE A 67 -0.78 0.01 1.69
C ILE A 67 0.24 -0.69 2.57
N GLY A 68 1.44 -0.96 2.04
CA GLY A 68 2.24 -1.99 2.69
C GLY A 68 3.14 -1.60 3.85
N GLY A 69 2.88 -0.44 4.47
CA GLY A 69 3.72 0.03 5.54
C GLY A 69 3.20 -0.44 6.90
N SER A 70 4.13 -0.81 7.77
CA SER A 70 3.78 -1.04 9.18
C SER A 70 4.98 -0.70 10.06
N ALA A 71 4.69 -0.40 11.32
CA ALA A 71 5.73 -0.06 12.33
C ALA A 71 5.29 -0.65 13.65
N CYS A 72 5.14 -1.97 13.66
CA CYS A 72 4.51 -2.65 14.77
C CYS A 72 5.49 -3.36 15.68
N LYS A 73 6.77 -3.30 15.37
CA LYS A 73 7.81 -3.93 16.21
C LYS A 73 8.52 -2.90 17.07
N VAL A 74 9.09 -1.90 16.41
CA VAL A 74 9.78 -0.76 17.07
C VAL A 74 8.97 0.47 16.68
N ALA A 75 8.52 1.22 17.71
CA ALA A 75 7.62 2.34 17.45
C ALA A 75 8.26 3.31 16.47
N GLY A 76 7.51 3.69 15.44
CA GLY A 76 7.99 4.66 14.47
C GLY A 76 8.98 4.15 13.43
N ALA A 77 9.35 2.86 13.48
CA ALA A 77 10.32 2.34 12.51
C ALA A 77 9.50 1.65 11.40
N TRP A 78 9.26 2.40 10.33
CA TRP A 78 8.39 1.96 9.23
C TRP A 78 9.17 1.00 8.31
N SER A 79 8.47 0.01 7.80
CA SER A 79 8.97 -0.91 6.78
C SER A 79 7.86 -1.23 5.82
N TRP A 80 8.25 -1.55 4.59
CA TRP A 80 7.32 -2.10 3.61
C TRP A 80 7.32 -3.62 3.64
N THR A 81 6.15 -4.24 3.48
CA THR A 81 6.11 -5.72 3.51
C THR A 81 6.90 -6.35 2.36
N ASP A 82 7.12 -5.62 1.27
CA ASP A 82 7.87 -6.18 0.15
C ASP A 82 9.39 -6.00 0.33
N GLY A 83 9.85 -5.46 1.44
CA GLY A 83 11.29 -5.33 1.69
C GLY A 83 11.96 -4.17 0.98
N THR A 84 11.23 -3.36 0.20
CA THR A 84 11.84 -2.25 -0.51
C THR A 84 12.10 -1.10 0.45
N PRO A 85 12.97 -0.14 0.05
CA PRO A 85 13.30 0.93 0.97
C PRO A 85 12.18 1.94 1.25
N VAL A 86 12.13 2.48 2.47
CA VAL A 86 11.24 3.61 2.72
C VAL A 86 11.97 4.87 2.30
N ASP A 87 11.99 5.10 1.02
CA ASP A 87 12.77 6.17 0.39
C ASP A 87 11.89 7.32 -0.08
N TYR A 88 10.61 7.26 0.24
CA TYR A 88 9.64 8.30 -0.06
C TYR A 88 8.57 8.25 1.04
N ARG A 89 8.13 9.41 1.48
CA ARG A 89 7.01 9.50 2.41
C ARG A 89 6.11 10.65 2.06
N THR A 90 4.81 10.45 2.27
CA THR A 90 3.85 11.55 2.12
C THR A 90 2.77 11.45 3.20
N TRP A 91 3.23 11.50 4.44
CA TRP A 91 2.34 11.49 5.58
C TRP A 91 1.45 12.74 5.61
N CYS A 92 0.21 12.58 6.05
CA CYS A 92 -0.65 13.74 6.32
C CYS A 92 -0.01 14.66 7.37
N PRO A 93 -0.45 15.91 7.45
CA PRO A 93 0.10 16.82 8.47
C PRO A 93 -0.02 16.22 9.85
N THR A 94 1.08 16.39 10.61
CA THR A 94 1.25 15.92 12.00
C THR A 94 1.37 14.40 12.14
N LYS A 95 1.32 13.68 11.03
CA LYS A 95 1.48 12.21 11.07
C LYS A 95 2.86 11.81 10.64
N PRO A 96 3.33 10.61 10.99
CA PRO A 96 2.61 9.59 11.74
C PRO A 96 2.59 9.85 13.24
N ASN A 97 1.61 9.31 13.96
CA ASN A 97 1.66 9.45 15.44
C ASN A 97 2.67 8.47 16.07
N ASP A 98 3.01 7.39 15.36
CA ASP A 98 4.03 6.44 15.86
C ASP A 98 3.65 5.88 17.25
N ILE A 99 2.36 5.66 17.47
CA ILE A 99 1.89 4.94 18.66
C ILE A 99 1.74 3.47 18.27
N LEU A 100 2.31 2.55 19.06
CA LEU A 100 2.34 1.16 18.62
C LEU A 100 0.93 0.52 18.46
N SER A 101 -0.06 1.00 19.22
CA SER A 101 -1.43 0.52 19.05
C SER A 101 -2.02 0.75 17.65
N ASP A 102 -1.47 1.72 16.91
CA ASP A 102 -2.04 2.17 15.65
C ASP A 102 -0.91 2.16 14.61
N CYS A 103 -0.51 0.96 14.16
CA CYS A 103 0.82 0.84 13.52
C CYS A 103 0.79 0.36 12.09
N CYS A 104 -0.39 0.47 11.45
CA CYS A 104 -0.49 0.10 10.03
C CYS A 104 -0.75 1.33 9.14
N MET A 105 -0.11 1.38 7.98
CA MET A 105 -0.18 2.55 7.10
C MET A 105 -1.30 2.45 6.09
N GLN A 106 -2.03 3.55 5.92
CA GLN A 106 -3.02 3.63 4.88
C GLN A 106 -2.89 4.95 4.12
N MET A 107 -3.41 4.94 2.90
CA MET A 107 -3.76 6.20 2.20
C MET A 107 -5.11 6.61 2.76
N THR A 108 -5.22 7.87 3.24
CA THR A 108 -6.44 8.35 3.87
C THR A 108 -7.49 8.81 2.85
N ALA A 109 -8.64 9.23 3.38
CA ALA A 109 -9.75 9.73 2.57
C ALA A 109 -9.49 11.14 2.04
N ALA A 110 -8.40 11.77 2.45
CA ALA A 110 -8.08 13.09 1.83
C ALA A 110 -7.93 12.86 0.31
N VAL A 111 -8.29 13.87 -0.48
CA VAL A 111 -8.11 13.76 -1.93
C VAL A 111 -6.66 13.43 -2.33
N ASP A 112 -5.68 14.01 -1.63
CA ASP A 112 -4.29 13.74 -1.96
C ASP A 112 -3.80 12.38 -1.47
N LYS A 113 -4.67 11.65 -0.77
CA LYS A 113 -4.34 10.28 -0.28
C LYS A 113 -3.12 10.28 0.62
N CYS A 114 -2.90 11.38 1.35
CA CYS A 114 -1.80 11.40 2.28
C CYS A 114 -1.91 10.26 3.28
N TRP A 115 -0.76 9.82 3.80
CA TRP A 115 -0.72 8.61 4.62
C TRP A 115 -0.97 8.87 6.10
N ASP A 116 -1.53 7.88 6.79
CA ASP A 116 -1.72 7.94 8.23
C ASP A 116 -1.57 6.55 8.78
N ASP A 117 -1.26 6.49 10.09
CA ASP A 117 -1.09 5.20 10.77
C ASP A 117 -2.29 4.95 11.67
N LEU A 118 -2.98 3.85 11.36
CA LEU A 118 -4.28 3.52 11.99
C LEU A 118 -4.16 2.15 12.65
N PRO A 119 -5.14 1.77 13.49
CA PRO A 119 -5.16 0.40 14.01
C PRO A 119 -5.24 -0.63 12.88
N CYS A 120 -4.36 -1.61 12.93
CA CYS A 120 -4.31 -2.64 11.90
C CYS A 120 -5.66 -3.39 11.75
N PRO A 121 -6.49 -3.56 12.82
CA PRO A 121 -7.78 -4.21 12.62
C PRO A 121 -8.83 -3.39 11.85
N ALA A 122 -8.57 -2.13 11.52
CA ALA A 122 -9.58 -1.39 10.76
C ALA A 122 -9.82 -2.07 9.41
N SER A 123 -11.06 -2.00 8.94
CA SER A 123 -11.48 -2.70 7.75
C SER A 123 -11.53 -1.77 6.56
N HIS A 124 -10.62 -1.95 5.62
CA HIS A 124 -10.50 -1.07 4.46
C HIS A 124 -10.18 -1.84 3.21
N ALA A 125 -10.55 -1.28 2.06
CA ALA A 125 -10.04 -1.73 0.78
C ALA A 125 -8.51 -1.62 0.76
N SER A 126 -7.87 -2.16 -0.29
CA SER A 126 -6.42 -2.20 -0.30
C SER A 126 -5.92 -2.23 -1.72
N ILE A 127 -4.62 -2.11 -1.85
CA ILE A 127 -3.96 -2.16 -3.16
C ILE A 127 -2.72 -3.03 -3.06
N CYS A 128 -2.64 -4.00 -3.97
CA CYS A 128 -1.45 -4.88 -4.05
C CYS A 128 -0.57 -4.46 -5.21
N ALA A 129 0.70 -4.87 -5.13
CA ALA A 129 1.63 -4.69 -6.25
C ALA A 129 2.52 -5.91 -6.39
N LYS A 130 3.04 -6.08 -7.62
CA LYS A 130 4.07 -7.10 -7.87
C LYS A 130 4.76 -6.71 -9.19
N ALA A 131 5.89 -7.34 -9.48
CA ALA A 131 6.61 -7.03 -10.73
C ALA A 131 5.78 -7.36 -11.95
N ALA A 132 5.89 -6.51 -12.98
CA ALA A 132 5.29 -6.80 -14.27
C ALA A 132 5.99 -7.97 -14.98
N ILE A 133 5.34 -8.50 -16.01
CA ILE A 133 5.83 -9.63 -16.78
C ILE A 133 6.47 -9.17 -18.08
#